data_4HRH
#
_entry.id   4HRH
#
_cell.length_a   145.106
_cell.length_b   145.106
_cell.length_c   145.106
_cell.angle_alpha   90.00
_cell.angle_beta   90.00
_cell.angle_gamma   90.00
#
_symmetry.space_group_name_H-M   'P 43 3 2'
#
loop_
_entity.id
_entity.type
_entity.pdbx_description
1 polymer 'Protein S100-A10, Annexin A2'
2 polymer 'Helicase-like transcription factor'
3 non-polymer 'SULFATE ION'
#
loop_
_entity_poly.entity_id
_entity_poly.type
_entity_poly.pdbx_seq_one_letter_code
_entity_poly.pdbx_strand_id
1 'polypeptide(L)'
;SMPSQMEHAMETMMFTFHKFAGDKGYLTKEDLRVLMEKEFPGFLENQKDPLAVDKIMKDLDQCRDGKVGFQSFFSLIAGL
TIACNDYFVVHMKQENLYFQGDSTVHEILSKLSLEGD
;
A,B
2 'polypeptide(L)' PRLSYPTFFPRFEF C,D
#
loop_
_chem_comp.id
_chem_comp.type
_chem_comp.name
_chem_comp.formula
SO4 non-polymer 'SULFATE ION' 'O4 S -2'
#
# COMPACT_ATOMS: atom_id res chain seq x y z
N PRO A 3 4.95 12.22 13.71
CA PRO A 3 4.23 12.31 12.43
C PRO A 3 5.17 11.99 11.28
N SER A 4 5.33 10.70 10.99
CA SER A 4 6.26 10.23 9.97
C SER A 4 5.69 10.40 8.55
N GLN A 5 6.26 9.68 7.60
CA GLN A 5 6.02 9.92 6.17
C GLN A 5 5.42 8.71 5.47
N MET A 6 6.01 7.55 5.71
CA MET A 6 5.30 6.31 5.50
C MET A 6 3.99 6.38 6.29
N GLU A 7 4.06 6.90 7.52
CA GLU A 7 2.89 6.92 8.38
C GLU A 7 1.77 7.74 7.77
N HIS A 8 2.11 8.94 7.30
CA HIS A 8 1.15 9.74 6.52
C HIS A 8 0.59 8.96 5.30
N ALA A 9 1.47 8.27 4.57
CA ALA A 9 1.06 7.56 3.36
C ALA A 9 0.00 6.54 3.70
N MET A 10 0.24 5.80 4.78
CA MET A 10 -0.71 4.79 5.22
C MET A 10 -2.01 5.46 5.64
N GLU A 11 -1.92 6.53 6.44
CA GLU A 11 -3.09 7.29 6.82
C GLU A 11 -3.88 7.73 5.58
N THR A 12 -3.16 8.24 4.57
CA THR A 12 -3.84 8.73 3.37
C THR A 12 -4.67 7.59 2.86
N MET A 13 -4.00 6.46 2.64
CA MET A 13 -4.67 5.25 2.17
C MET A 13 -5.93 4.89 2.96
N MET A 14 -5.79 4.82 4.28
CA MET A 14 -6.91 4.48 5.13
C MET A 14 -8.00 5.53 4.98
N PHE A 15 -7.59 6.78 5.12
CA PHE A 15 -8.50 7.91 5.04
C PHE A 15 -9.31 7.89 3.74
N THR A 16 -8.61 7.75 2.61
CA THR A 16 -9.26 7.74 1.29
C THR A 16 -10.34 6.68 1.15
N PHE A 17 -9.97 5.43 1.45
CA PHE A 17 -10.96 4.36 1.48
C PHE A 17 -12.16 4.81 2.30
N HIS A 18 -11.91 5.19 3.54
CA HIS A 18 -13.01 5.52 4.46
C HIS A 18 -13.79 6.74 4.01
N LYS A 19 -13.06 7.73 3.51
CA LYS A 19 -13.64 8.98 3.05
C LYS A 19 -14.68 8.74 1.93
N PHE A 20 -14.38 7.80 1.03
CA PHE A 20 -15.28 7.50 -0.09
C PHE A 20 -16.32 6.44 0.25
N ALA A 21 -15.87 5.40 0.95
CA ALA A 21 -16.72 4.34 1.50
C ALA A 21 -17.86 4.89 2.35
N GLY A 22 -17.56 5.87 3.18
CA GLY A 22 -18.58 6.44 4.04
C GLY A 22 -18.87 5.51 5.19
N ASP A 23 -20.05 5.68 5.79
CA ASP A 23 -20.36 4.96 7.01
C ASP A 23 -20.61 3.45 6.82
N LYS A 24 -21.16 3.07 5.67
CA LYS A 24 -21.49 1.68 5.43
C LYS A 24 -20.25 0.77 5.52
N GLY A 25 -19.06 1.35 5.42
CA GLY A 25 -17.84 0.58 5.61
C GLY A 25 -17.22 -0.01 4.36
N TYR A 26 -17.96 -0.04 3.26
CA TYR A 26 -17.42 -0.54 1.99
C TYR A 26 -17.71 0.34 0.78
N LEU A 27 -17.05 -0.02 -0.32
CA LEU A 27 -17.17 0.69 -1.56
C LEU A 27 -18.05 -0.10 -2.52
N THR A 28 -19.07 0.54 -3.08
CA THR A 28 -19.75 -0.05 -4.23
C THR A 28 -19.06 0.42 -5.53
N LYS A 29 -19.35 -0.25 -6.64
CA LYS A 29 -18.80 0.15 -7.93
C LYS A 29 -18.86 1.65 -8.17
N GLU A 30 -19.83 2.32 -7.54
CA GLU A 30 -20.01 3.75 -7.78
C GLU A 30 -19.00 4.51 -6.96
N ASP A 31 -18.90 4.15 -5.69
CA ASP A 31 -17.96 4.78 -4.80
C ASP A 31 -16.59 4.68 -5.44
N LEU A 32 -16.25 3.47 -5.86
CA LEU A 32 -14.94 3.17 -6.40
C LEU A 32 -14.61 3.96 -7.66
N ARG A 33 -15.61 4.13 -8.54
CA ARG A 33 -15.43 4.88 -9.78
C ARG A 33 -15.07 6.34 -9.47
N VAL A 34 -15.79 6.95 -8.54
CA VAL A 34 -15.49 8.31 -8.15
C VAL A 34 -14.15 8.42 -7.43
N LEU A 35 -13.89 7.49 -6.52
CA LEU A 35 -12.59 7.42 -5.88
C LEU A 35 -11.51 7.54 -6.95
N MET A 36 -11.61 6.67 -7.95
CA MET A 36 -10.58 6.62 -8.98
C MET A 36 -10.62 7.85 -9.86
N GLU A 37 -11.81 8.44 -10.00
CA GLU A 37 -11.95 9.67 -10.77
C GLU A 37 -11.21 10.85 -10.10
N LYS A 38 -11.25 10.89 -8.77
CA LYS A 38 -10.57 11.94 -8.00
C LYS A 38 -9.11 11.60 -7.70
N GLU A 39 -8.86 10.33 -7.33
CA GLU A 39 -7.57 9.91 -6.81
C GLU A 39 -6.60 9.40 -7.87
N PHE A 40 -7.11 9.09 -9.06
CA PHE A 40 -6.26 8.65 -10.18
C PHE A 40 -6.75 9.34 -11.44
N PRO A 41 -6.70 10.67 -11.42
CA PRO A 41 -7.33 11.62 -12.35
C PRO A 41 -7.24 11.16 -13.79
N GLY A 42 -6.06 11.22 -14.38
CA GLY A 42 -5.93 10.90 -15.78
C GLY A 42 -6.07 9.42 -16.08
N PHE A 43 -5.76 8.59 -15.10
CA PHE A 43 -5.66 7.14 -15.29
C PHE A 43 -6.86 6.55 -16.02
N LEU A 44 -8.00 6.59 -15.33
CA LEU A 44 -9.25 6.06 -15.85
C LEU A 44 -9.67 6.68 -17.20
N GLU A 45 -9.35 7.97 -17.40
CA GLU A 45 -9.66 8.64 -18.65
C GLU A 45 -8.84 8.08 -19.80
N ASN A 46 -7.53 8.01 -19.59
CA ASN A 46 -6.61 7.46 -20.56
C ASN A 46 -6.78 5.95 -20.69
N GLN A 47 -7.53 5.35 -19.77
CA GLN A 47 -7.89 3.94 -19.90
C GLN A 47 -8.73 3.78 -21.17
N LYS A 48 -8.14 3.21 -22.20
CA LYS A 48 -8.75 3.22 -23.53
C LYS A 48 -9.96 2.28 -23.69
N ASP A 49 -10.10 1.32 -22.78
CA ASP A 49 -11.38 0.68 -22.57
C ASP A 49 -12.21 1.69 -21.80
N PRO A 50 -13.44 1.98 -22.27
CA PRO A 50 -14.27 2.92 -21.51
C PRO A 50 -14.95 2.27 -20.30
N LEU A 51 -14.97 0.94 -20.25
CA LEU A 51 -15.61 0.24 -19.14
C LEU A 51 -14.57 -0.45 -18.28
N ALA A 52 -13.40 0.17 -18.18
CA ALA A 52 -12.30 -0.34 -17.38
C ALA A 52 -12.71 -0.50 -15.93
N VAL A 53 -13.42 0.49 -15.38
CA VAL A 53 -13.88 0.36 -13.99
C VAL A 53 -14.65 -0.93 -13.78
N ASP A 54 -15.51 -1.25 -14.74
CA ASP A 54 -16.27 -2.48 -14.65
C ASP A 54 -15.29 -3.64 -14.58
N LYS A 55 -14.35 -3.68 -15.52
CA LYS A 55 -13.36 -4.76 -15.56
C LYS A 55 -12.58 -4.86 -14.26
N ILE A 56 -12.22 -3.72 -13.69
CA ILE A 56 -11.44 -3.67 -12.45
C ILE A 56 -12.29 -4.13 -11.26
N MET A 57 -13.48 -3.55 -11.17
CA MET A 57 -14.47 -3.98 -10.20
C MET A 57 -14.69 -5.49 -10.27
N LYS A 58 -14.83 -6.03 -11.48
CA LYS A 58 -15.11 -7.46 -11.67
C LYS A 58 -13.99 -8.35 -11.14
N ASP A 59 -12.76 -7.84 -11.18
CA ASP A 59 -11.61 -8.57 -10.69
C ASP A 59 -11.46 -8.52 -9.18
N LEU A 60 -11.85 -7.41 -8.57
CA LEU A 60 -11.47 -7.13 -7.20
C LEU A 60 -11.83 -8.31 -6.28
N ASP A 61 -10.79 -8.77 -5.57
CA ASP A 61 -10.64 -10.01 -4.83
C ASP A 61 -12.01 -10.38 -4.26
N GLN A 62 -12.57 -9.52 -3.42
CA GLN A 62 -13.90 -9.75 -2.88
C GLN A 62 -14.86 -8.67 -3.38
N CYS A 63 -15.28 -8.81 -4.62
CA CYS A 63 -16.11 -7.83 -5.29
C CYS A 63 -17.47 -8.43 -5.63
N ARG A 64 -17.68 -9.67 -5.18
CA ARG A 64 -18.80 -10.50 -5.66
C ARG A 64 -20.18 -10.14 -5.10
N ASP A 65 -20.24 -9.56 -3.91
CA ASP A 65 -21.50 -8.98 -3.43
C ASP A 65 -21.64 -7.54 -3.90
N GLY A 66 -20.64 -7.06 -4.62
CA GLY A 66 -20.63 -5.69 -5.14
C GLY A 66 -20.02 -4.76 -4.11
N LYS A 67 -19.61 -5.34 -2.99
CA LYS A 67 -18.96 -4.59 -1.91
C LYS A 67 -17.47 -4.68 -2.10
N VAL A 68 -16.74 -3.68 -1.61
CA VAL A 68 -15.30 -3.68 -1.76
C VAL A 68 -14.62 -3.35 -0.44
N GLY A 69 -14.05 -4.38 0.19
CA GLY A 69 -13.39 -4.26 1.47
C GLY A 69 -12.22 -3.31 1.41
N PHE A 70 -11.69 -2.99 2.59
CA PHE A 70 -10.48 -2.20 2.62
C PHE A 70 -9.38 -3.04 2.04
N GLN A 71 -9.36 -4.28 2.51
CA GLN A 71 -8.41 -5.27 2.03
C GLN A 71 -8.44 -5.33 0.49
N SER A 72 -9.63 -5.50 -0.09
CA SER A 72 -9.78 -5.49 -1.55
C SER A 72 -9.22 -4.18 -2.08
N PHE A 73 -9.74 -3.07 -1.57
CA PHE A 73 -9.21 -1.77 -1.95
C PHE A 73 -7.67 -1.73 -1.94
N PHE A 74 -7.06 -2.35 -0.93
CA PHE A 74 -5.60 -2.36 -0.88
C PHE A 74 -4.99 -3.15 -2.04
N SER A 75 -5.55 -4.32 -2.34
CA SER A 75 -5.25 -5.07 -3.58
C SER A 75 -4.97 -4.14 -4.77
N LEU A 76 -5.92 -3.24 -4.99
CA LEU A 76 -5.84 -2.28 -6.04
C LEU A 76 -4.61 -1.41 -5.90
N ILE A 77 -4.41 -0.84 -4.70
CA ILE A 77 -3.21 -0.03 -4.49
C ILE A 77 -1.93 -0.83 -4.80
N ALA A 78 -1.86 -2.04 -4.28
CA ALA A 78 -0.72 -2.90 -4.55
C ALA A 78 -0.55 -3.08 -6.07
N GLY A 79 -1.66 -3.30 -6.75
CA GLY A 79 -1.59 -3.62 -8.16
C GLY A 79 -0.96 -2.50 -8.93
N LEU A 80 -1.43 -1.29 -8.63
CA LEU A 80 -0.97 -0.10 -9.29
C LEU A 80 0.47 0.24 -8.90
N THR A 81 0.72 0.30 -7.60
CA THR A 81 2.05 0.67 -7.10
C THR A 81 3.15 -0.23 -7.66
N ILE A 82 2.97 -1.53 -7.47
CA ILE A 82 3.92 -2.50 -7.94
C ILE A 82 4.11 -2.41 -9.45
N ALA A 83 3.02 -2.19 -10.19
CA ALA A 83 3.12 -2.00 -11.64
C ALA A 83 3.92 -0.74 -11.93
N CYS A 84 3.55 0.36 -11.27
CA CYS A 84 4.32 1.58 -11.34
C CYS A 84 5.79 1.33 -11.08
N ASN A 85 6.10 0.65 -9.98
CA ASN A 85 7.48 0.47 -9.60
C ASN A 85 8.26 -0.32 -10.66
N ASP A 86 7.63 -1.36 -11.20
CA ASP A 86 8.31 -2.19 -12.18
C ASP A 86 8.64 -1.38 -13.43
N TYR A 87 7.76 -0.43 -13.74
CA TYR A 87 7.90 0.36 -14.95
C TYR A 87 8.97 1.39 -14.71
N PHE A 88 8.93 1.93 -13.49
CA PHE A 88 9.91 2.91 -13.05
C PHE A 88 11.32 2.35 -13.15
N VAL A 89 11.51 1.15 -12.62
CA VAL A 89 12.84 0.58 -12.55
C VAL A 89 13.38 0.16 -13.92
N VAL A 90 12.53 -0.40 -14.76
CA VAL A 90 12.97 -0.82 -16.08
C VAL A 90 13.24 0.41 -16.91
N HIS A 91 12.31 1.35 -16.89
CA HIS A 91 12.25 2.40 -17.91
C HIS A 91 12.86 3.74 -17.50
N MET A 92 13.24 3.90 -16.24
CA MET A 92 13.78 5.20 -15.83
C MET A 92 14.87 5.15 -14.76
N LYS A 93 14.47 4.82 -13.53
CA LYS A 93 15.34 5.01 -12.38
C LYS A 93 15.99 6.40 -12.41
N GLN A 100 14.71 13.74 -6.53
CA GLN A 100 13.57 13.37 -7.35
C GLN A 100 12.72 14.58 -7.71
N GLY A 101 11.72 14.34 -8.55
CA GLY A 101 10.77 15.36 -8.96
C GLY A 101 9.42 14.67 -9.10
N ASP A 102 8.43 15.16 -8.35
CA ASP A 102 7.11 14.55 -8.35
C ASP A 102 6.50 14.56 -9.75
N SER A 103 5.30 13.99 -9.85
CA SER A 103 4.54 13.95 -11.10
C SER A 103 4.90 12.76 -12.00
N THR A 104 5.74 11.86 -11.51
CA THR A 104 6.06 10.68 -12.26
C THR A 104 5.06 9.57 -12.09
N VAL A 105 4.81 9.16 -10.86
CA VAL A 105 3.69 8.25 -10.61
C VAL A 105 2.47 8.68 -11.42
N HIS A 106 2.05 9.92 -11.25
CA HIS A 106 0.99 10.43 -12.10
C HIS A 106 1.22 10.10 -13.60
N GLU A 107 2.47 10.19 -14.06
CA GLU A 107 2.74 9.97 -15.47
C GLU A 107 2.84 8.51 -15.83
N ILE A 108 3.17 7.68 -14.86
CA ILE A 108 3.23 6.25 -15.09
C ILE A 108 1.81 5.65 -15.14
N LEU A 109 0.96 6.04 -14.19
CA LEU A 109 -0.40 5.52 -14.19
C LEU A 109 -1.08 5.75 -15.54
N SER A 110 -0.65 6.78 -16.26
CA SER A 110 -1.21 7.08 -17.56
C SER A 110 -1.03 5.93 -18.56
N LYS A 111 0.15 5.32 -18.53
CA LYS A 111 0.51 4.26 -19.48
C LYS A 111 -0.01 2.90 -19.00
N LEU A 112 -0.69 2.90 -17.87
CA LEU A 112 -1.09 1.64 -17.27
C LEU A 112 -2.48 1.25 -17.68
N SER A 113 -2.61 -0.03 -18.01
CA SER A 113 -3.89 -0.63 -18.39
C SER A 113 -4.02 -2.01 -17.75
N LEU A 114 -5.25 -2.40 -17.43
CA LEU A 114 -5.54 -3.73 -16.84
C LEU A 114 -5.25 -4.92 -17.79
N GLU A 115 -5.31 -6.14 -17.24
CA GLU A 115 -5.10 -7.36 -18.01
C GLU A 115 -6.36 -7.78 -18.80
N PRO B 3 -1.90 15.91 -9.14
CA PRO B 3 -1.26 14.91 -8.27
C PRO B 3 -2.05 14.65 -6.98
N SER B 4 -2.73 13.50 -6.94
CA SER B 4 -3.57 13.12 -5.81
C SER B 4 -2.82 12.91 -4.50
N GLN B 5 -3.55 13.01 -3.41
CA GLN B 5 -3.08 12.45 -2.15
C GLN B 5 -2.68 10.98 -2.32
N MET B 6 -3.51 10.21 -3.02
CA MET B 6 -3.22 8.80 -3.26
C MET B 6 -1.98 8.60 -4.11
N GLU B 7 -1.83 9.42 -5.14
CA GLU B 7 -0.66 9.30 -6.01
C GLU B 7 0.59 9.56 -5.20
N HIS B 8 0.53 10.62 -4.39
CA HIS B 8 1.63 10.93 -3.50
C HIS B 8 1.95 9.78 -2.53
N ALA B 9 0.92 9.10 -2.06
CA ALA B 9 1.12 8.01 -1.10
C ALA B 9 1.96 6.94 -1.81
N MET B 10 1.59 6.70 -3.06
CA MET B 10 2.23 5.66 -3.85
C MET B 10 3.69 6.05 -4.10
N GLU B 11 3.92 7.30 -4.53
CA GLU B 11 5.30 7.73 -4.81
C GLU B 11 6.11 7.62 -3.53
N THR B 12 5.50 8.01 -2.42
CA THR B 12 6.17 7.89 -1.13
C THR B 12 6.59 6.46 -0.87
N MET B 13 5.69 5.52 -1.16
CA MET B 13 6.04 4.14 -0.91
C MET B 13 7.23 3.74 -1.79
N MET B 14 7.22 4.14 -3.05
CA MET B 14 8.26 3.74 -3.98
C MET B 14 9.56 4.39 -3.60
N PHE B 15 9.50 5.69 -3.43
CA PHE B 15 10.64 6.49 -3.03
C PHE B 15 11.31 5.98 -1.73
N THR B 16 10.52 5.76 -0.69
CA THR B 16 11.04 5.27 0.60
C THR B 16 11.88 3.99 0.42
N PHE B 17 11.32 3.03 -0.32
CA PHE B 17 12.02 1.80 -0.63
C PHE B 17 13.36 2.13 -1.25
N HIS B 18 13.33 3.00 -2.25
CA HIS B 18 14.53 3.24 -3.03
C HIS B 18 15.54 4.05 -2.25
N LYS B 19 15.07 5.06 -1.51
CA LYS B 19 15.86 5.79 -0.51
C LYS B 19 16.78 4.84 0.21
N PHE B 20 16.22 3.73 0.66
CA PHE B 20 16.93 2.90 1.61
C PHE B 20 17.65 1.76 0.92
N ALA B 21 17.08 1.27 -0.18
CA ALA B 21 17.69 0.16 -0.92
C ALA B 21 18.93 0.62 -1.63
N GLY B 22 18.82 1.77 -2.29
CA GLY B 22 19.94 2.30 -3.04
C GLY B 22 20.13 1.57 -4.36
N ASP B 23 21.21 1.86 -5.07
CA ASP B 23 21.32 1.38 -6.43
C ASP B 23 21.19 -0.13 -6.57
N LYS B 24 21.56 -0.88 -5.54
CA LYS B 24 21.52 -2.33 -5.65
C LYS B 24 20.09 -2.85 -5.82
N GLY B 25 19.10 -2.06 -5.44
CA GLY B 25 17.72 -2.37 -5.75
C GLY B 25 16.94 -3.32 -4.85
N TYR B 26 17.52 -3.71 -3.73
CA TYR B 26 16.79 -4.43 -2.69
C TYR B 26 17.21 -3.95 -1.30
N LEU B 27 16.58 -4.51 -0.28
CA LEU B 27 16.93 -4.21 1.10
C LEU B 27 17.44 -5.47 1.80
N THR B 28 18.52 -5.30 2.55
CA THR B 28 18.95 -6.32 3.48
C THR B 28 18.37 -6.01 4.87
N LYS B 29 18.59 -6.91 5.82
CA LYS B 29 18.16 -6.69 7.19
C LYS B 29 18.56 -5.28 7.62
N GLU B 30 19.81 -4.91 7.34
CA GLU B 30 20.34 -3.61 7.76
C GLU B 30 19.54 -2.44 7.21
N ASP B 31 19.40 -2.40 5.89
CA ASP B 31 18.59 -1.37 5.25
C ASP B 31 17.21 -1.34 5.86
N LEU B 32 16.56 -2.51 5.91
CA LEU B 32 15.22 -2.62 6.49
C LEU B 32 15.12 -2.06 7.91
N ARG B 33 16.03 -2.53 8.76
CA ARG B 33 16.15 -2.08 10.14
C ARG B 33 16.06 -0.57 10.19
N VAL B 34 16.92 0.10 9.43
CA VAL B 34 17.04 1.56 9.53
C VAL B 34 15.81 2.21 8.93
N LEU B 35 15.30 1.61 7.87
CA LEU B 35 14.06 2.06 7.26
C LEU B 35 13.00 2.16 8.32
N MET B 36 12.70 1.03 8.96
CA MET B 36 11.67 1.02 10.00
C MET B 36 11.98 2.00 11.13
N GLU B 37 13.22 2.03 11.57
CA GLU B 37 13.59 2.94 12.64
C GLU B 37 13.19 4.37 12.28
N LYS B 38 13.22 4.67 10.99
CA LYS B 38 13.03 6.05 10.55
C LYS B 38 11.57 6.30 10.12
N GLU B 39 10.94 5.30 9.53
CA GLU B 39 9.61 5.47 8.97
C GLU B 39 8.51 5.01 9.93
N PHE B 40 8.88 4.09 10.81
CA PHE B 40 7.96 3.57 11.82
C PHE B 40 8.59 3.74 13.18
N PRO B 41 8.80 4.99 13.59
CA PRO B 41 9.56 5.24 14.83
C PRO B 41 8.88 4.57 16.00
N GLY B 42 9.66 4.17 16.99
CA GLY B 42 9.12 3.55 18.17
C GLY B 42 8.54 2.17 17.93
N PHE B 43 8.17 1.86 16.69
CA PHE B 43 7.51 0.58 16.41
C PHE B 43 8.33 -0.61 16.93
N LEU B 44 9.64 -0.54 16.73
CA LEU B 44 10.53 -1.67 17.02
C LEU B 44 10.92 -1.73 18.51
N GLU B 45 11.18 -0.57 19.08
CA GLU B 45 11.48 -0.46 20.51
C GLU B 45 10.33 -1.07 21.28
N ASN B 46 9.13 -0.56 21.00
CA ASN B 46 7.91 -0.96 21.70
C ASN B 46 7.52 -2.39 21.37
N GLN B 47 8.06 -2.89 20.27
CA GLN B 47 8.04 -4.30 19.96
C GLN B 47 8.94 -4.71 21.12
N LYS B 48 8.35 -5.37 22.11
CA LYS B 48 9.12 -5.90 23.23
C LYS B 48 10.02 -7.06 22.82
N ASP B 49 11.01 -6.76 21.99
CA ASP B 49 11.85 -7.80 21.43
C ASP B 49 13.15 -7.22 20.86
N PRO B 50 14.24 -8.01 20.96
CA PRO B 50 15.53 -7.68 20.36
C PRO B 50 15.66 -8.19 18.93
N LEU B 51 15.15 -9.39 18.67
CA LEU B 51 15.32 -10.06 17.37
C LEU B 51 14.25 -9.66 16.36
N ALA B 52 13.36 -8.75 16.79
CA ALA B 52 12.13 -8.46 16.06
C ALA B 52 12.26 -8.40 14.52
N VAL B 53 13.09 -7.50 14.00
CA VAL B 53 13.20 -7.34 12.54
C VAL B 53 13.54 -8.62 11.80
N ASP B 54 14.37 -9.46 12.42
CA ASP B 54 14.72 -10.75 11.81
C ASP B 54 13.46 -11.58 11.58
N LYS B 55 12.65 -11.71 12.63
CA LYS B 55 11.43 -12.50 12.54
C LYS B 55 10.53 -11.97 11.43
N ILE B 56 10.51 -10.66 11.26
CA ILE B 56 9.67 -10.03 10.25
C ILE B 56 10.01 -10.50 8.85
N MET B 57 11.26 -10.29 8.44
CA MET B 57 11.74 -10.78 7.16
C MET B 57 11.17 -12.16 6.84
N LYS B 58 11.46 -13.12 7.71
CA LYS B 58 10.97 -14.49 7.53
C LYS B 58 9.53 -14.54 7.06
N ASP B 59 8.70 -13.63 7.58
CA ASP B 59 7.27 -13.66 7.25
C ASP B 59 6.88 -12.83 6.03
N LEU B 60 7.82 -12.04 5.50
CA LEU B 60 7.56 -11.23 4.31
C LEU B 60 7.30 -12.12 3.08
N ASP B 61 6.75 -11.55 2.02
CA ASP B 61 6.19 -12.35 0.92
C ASP B 61 7.19 -13.38 0.38
N GLN B 62 8.25 -12.90 -0.26
CA GLN B 62 9.33 -13.79 -0.68
C GLN B 62 10.73 -13.41 -0.24
N CYS B 63 11.23 -14.06 0.82
CA CYS B 63 12.31 -13.44 1.57
C CYS B 63 13.01 -14.40 2.54
N ARG B 64 13.92 -15.22 2.01
CA ARG B 64 14.70 -16.14 2.82
C ARG B 64 16.13 -16.28 2.30
N ASP B 65 16.72 -15.15 1.92
CA ASP B 65 18.06 -15.10 1.36
C ASP B 65 18.67 -13.73 1.67
N GLY B 66 18.02 -12.99 2.56
CA GLY B 66 18.57 -11.75 3.08
C GLY B 66 18.19 -10.52 2.27
N LYS B 67 17.61 -10.75 1.10
CA LYS B 67 17.27 -9.66 0.15
C LYS B 67 15.76 -9.43 0.09
N VAL B 68 15.33 -8.18 0.04
CA VAL B 68 13.90 -7.85 0.05
C VAL B 68 13.50 -6.98 -1.14
N GLY B 69 12.60 -7.49 -1.99
CA GLY B 69 12.16 -6.75 -3.16
C GLY B 69 11.08 -5.75 -2.84
N PHE B 70 10.70 -4.94 -3.82
CA PHE B 70 9.64 -3.97 -3.61
C PHE B 70 8.35 -4.69 -3.20
N GLN B 71 8.04 -5.77 -3.90
CA GLN B 71 6.85 -6.56 -3.59
C GLN B 71 6.90 -7.14 -2.17
N SER B 72 8.00 -7.77 -1.79
CA SER B 72 8.17 -8.20 -0.40
C SER B 72 7.89 -7.00 0.51
N PHE B 73 8.56 -5.89 0.23
CA PHE B 73 8.38 -4.66 0.99
C PHE B 73 6.91 -4.23 1.07
N PHE B 74 6.23 -4.22 -0.06
CA PHE B 74 4.85 -3.76 -0.08
C PHE B 74 4.01 -4.70 0.77
N SER B 75 4.34 -5.97 0.68
CA SER B 75 3.81 -6.99 1.58
C SER B 75 3.83 -6.49 3.03
N LEU B 76 4.95 -5.93 3.46
CA LEU B 76 5.01 -5.36 4.80
C LEU B 76 4.01 -4.24 5.00
N ILE B 77 3.95 -3.28 4.08
CA ILE B 77 2.99 -2.18 4.21
C ILE B 77 1.57 -2.69 4.40
N ALA B 78 1.19 -3.60 3.50
CA ALA B 78 -0.11 -4.24 3.58
C ALA B 78 -0.37 -4.75 4.99
N GLY B 79 0.64 -5.42 5.57
CA GLY B 79 0.51 -6.02 6.89
C GLY B 79 0.14 -4.97 7.92
N LEU B 80 0.97 -3.95 7.99
CA LEU B 80 0.79 -2.85 8.94
C LEU B 80 -0.53 -2.11 8.72
N THR B 81 -0.75 -1.69 7.48
CA THR B 81 -1.87 -0.83 7.13
C THR B 81 -3.19 -1.49 7.50
N ILE B 82 -3.37 -2.69 6.97
CA ILE B 82 -4.54 -3.49 7.31
C ILE B 82 -4.73 -3.67 8.83
N ALA B 83 -3.65 -4.01 9.53
CA ALA B 83 -3.72 -4.13 10.99
C ALA B 83 -4.27 -2.84 11.58
N CYS B 84 -3.67 -1.73 11.17
CA CYS B 84 -4.14 -0.40 11.54
C CYS B 84 -5.62 -0.25 11.30
N ASN B 85 -6.03 -0.53 10.07
CA ASN B 85 -7.42 -0.32 9.73
C ASN B 85 -8.39 -1.16 10.56
N ASP B 86 -8.05 -2.43 10.77
CA ASP B 86 -8.92 -3.36 11.48
C ASP B 86 -9.10 -2.81 12.89
N TYR B 87 -8.01 -2.22 13.39
CA TYR B 87 -8.02 -1.61 14.71
C TYR B 87 -8.84 -0.33 14.66
N PHE B 88 -8.46 0.54 13.73
CA PHE B 88 -9.13 1.82 13.59
C PHE B 88 -10.62 1.64 13.45
N VAL B 89 -11.00 0.69 12.61
CA VAL B 89 -12.42 0.43 12.40
C VAL B 89 -13.09 0.09 13.72
N VAL B 90 -12.41 -0.70 14.54
CA VAL B 90 -12.99 -1.12 15.80
C VAL B 90 -12.93 0.00 16.85
N HIS B 91 -11.72 0.33 17.29
CA HIS B 91 -11.54 1.15 18.49
C HIS B 91 -11.74 2.65 18.28
N MET B 92 -12.31 3.05 17.14
CA MET B 92 -12.54 4.47 16.87
C MET B 92 -13.35 4.75 15.60
N LYS B 93 -13.47 6.04 15.26
CA LYS B 93 -14.09 6.45 14.00
C LYS B 93 -13.69 7.85 13.48
N GLN B 94 -12.55 8.36 13.94
CA GLN B 94 -12.12 9.73 13.61
C GLN B 94 -10.69 9.87 13.06
N GLU B 95 -10.57 10.59 11.96
CA GLU B 95 -9.26 10.99 11.46
C GLU B 95 -9.33 12.23 10.57
N ASN B 96 -9.91 13.29 11.13
CA ASN B 96 -9.98 14.61 10.51
C ASN B 96 -10.53 14.58 9.08
N SER B 103 -0.38 11.90 14.58
CA SER B 103 -1.28 11.03 13.80
C SER B 103 -1.92 9.92 14.63
N THR B 104 -3.11 9.53 14.19
CA THR B 104 -3.78 8.33 14.64
C THR B 104 -2.99 7.11 14.20
N VAL B 105 -2.60 7.06 12.93
CA VAL B 105 -1.85 5.91 12.43
C VAL B 105 -0.61 5.65 13.28
N HIS B 106 0.16 6.70 13.54
CA HIS B 106 1.28 6.57 14.46
C HIS B 106 0.90 5.93 15.81
N GLU B 107 -0.28 6.29 16.31
CA GLU B 107 -0.73 5.78 17.59
C GLU B 107 -1.09 4.31 17.53
N ILE B 108 -1.62 3.86 16.40
CA ILE B 108 -2.07 2.48 16.31
C ILE B 108 -0.85 1.59 16.19
N LEU B 109 0.09 2.00 15.34
CA LEU B 109 1.29 1.22 15.09
C LEU B 109 1.99 0.87 16.40
N SER B 110 1.91 1.78 17.36
CA SER B 110 2.52 1.55 18.66
C SER B 110 1.89 0.34 19.40
N LYS B 111 0.57 0.14 19.24
CA LYS B 111 -0.15 -0.96 19.89
C LYS B 111 0.13 -2.32 19.23
N LEU B 112 0.59 -2.30 17.98
CA LEU B 112 0.71 -3.54 17.22
C LEU B 112 2.00 -4.31 17.47
N SER B 113 1.87 -5.63 17.51
CA SER B 113 3.00 -6.54 17.57
C SER B 113 2.74 -7.66 16.55
N LEU B 114 3.80 -8.35 16.15
CA LEU B 114 3.68 -9.42 15.15
C LEU B 114 3.05 -10.67 15.74
N GLU B 115 2.88 -11.71 14.94
CA GLU B 115 2.42 -12.96 15.52
C GLU B 115 3.53 -14.02 15.54
N PRO C 6 -1.51 -12.61 2.79
CA PRO C 6 -2.21 -13.46 1.85
C PRO C 6 -3.30 -12.74 1.09
N THR C 7 -2.95 -11.90 0.11
CA THR C 7 -3.95 -11.21 -0.69
C THR C 7 -3.63 -11.26 -2.17
N PHE C 8 -4.67 -11.30 -3.01
CA PHE C 8 -4.48 -11.35 -4.45
C PHE C 8 -4.77 -10.01 -5.10
N PHE C 9 -3.79 -9.47 -5.82
CA PHE C 9 -3.96 -8.21 -6.52
C PHE C 9 -4.10 -8.41 -8.03
N PRO C 10 -4.63 -7.39 -8.73
CA PRO C 10 -4.78 -7.42 -10.19
C PRO C 10 -3.51 -6.94 -10.91
N ARG C 11 -3.33 -7.33 -12.18
CA ARG C 11 -2.09 -7.02 -12.91
C ARG C 11 -2.25 -5.96 -14.03
N PHE C 12 -1.47 -4.90 -13.92
CA PHE C 12 -1.47 -3.77 -14.86
C PHE C 12 -0.18 -3.75 -15.65
N GLU C 13 -0.27 -3.78 -16.98
CA GLU C 13 0.90 -3.76 -17.83
C GLU C 13 1.04 -2.42 -18.54
N PHE C 14 2.02 -2.33 -19.44
CA PHE C 14 2.27 -1.10 -20.19
C PHE C 14 3.06 -0.09 -19.36
N PRO D 6 -1.42 -11.57 -6.31
CA PRO D 6 -1.29 -12.60 -5.27
C PRO D 6 -0.06 -12.43 -4.35
N THR D 7 -0.27 -11.90 -3.13
CA THR D 7 0.83 -11.48 -2.23
C THR D 7 0.64 -11.80 -0.72
N PHE D 8 1.45 -12.74 -0.20
CA PHE D 8 1.47 -13.05 1.23
C PHE D 8 1.91 -11.85 2.09
N PHE D 9 1.20 -11.59 3.18
CA PHE D 9 1.62 -10.57 4.16
C PHE D 9 1.52 -11.07 5.61
N PRO D 10 2.34 -10.48 6.46
CA PRO D 10 2.43 -10.81 7.88
C PRO D 10 1.22 -10.34 8.63
N ARG D 11 0.96 -10.96 9.79
CA ARG D 11 -0.23 -10.64 10.58
C ARG D 11 0.15 -10.02 11.91
N PHE D 12 -0.15 -8.73 12.06
CA PHE D 12 0.14 -8.02 13.28
C PHE D 12 -1.12 -7.92 14.09
N GLU D 13 -1.00 -8.23 15.36
CA GLU D 13 -2.12 -8.19 16.29
C GLU D 13 -1.93 -7.06 17.33
N PHE D 14 -2.75 -7.10 18.38
CA PHE D 14 -2.90 -6.04 19.37
C PHE D 14 -3.66 -4.90 18.74
S SO4 E . -12.24 -5.61 5.18
O1 SO4 E . -10.86 -5.65 5.73
O2 SO4 E . -12.73 -4.22 5.13
O3 SO4 E . -12.24 -6.18 3.82
O4 SO4 E . -13.09 -6.42 6.05
S SO4 F . 10.10 -7.43 -6.81
O1 SO4 F . 8.90 -6.63 -6.50
O2 SO4 F . 10.00 -7.88 -8.19
O3 SO4 F . 11.31 -6.58 -6.67
O4 SO4 F . 10.18 -8.57 -5.89
#